data_8T9P
#
_entry.id   8T9P
#
_cell.length_a   110.194
_cell.length_b   61.028
_cell.length_c   92.141
_cell.angle_alpha   90.00
_cell.angle_beta   123.82
_cell.angle_gamma   90.00
#
_symmetry.space_group_name_H-M   'C 1 2 1'
#
loop_
_entity.id
_entity.type
_entity.pdbx_description
1 polymer 'Tautomerase beta subunit'
2 polymer 'Tautomerase alpha subunit'
3 water water
#
loop_
_entity_poly.entity_id
_entity_poly.type
_entity_poly.pdbx_seq_one_letter_code
_entity_poly.pdbx_strand_id
1 'polypeptide(L)' SIIQVTFIAGRTELQKERLIAALTDAAVDTVGIERAEVRVILKDIPNTDYGIAGQTARSLGRGVDRHGRAPGGS A,E,F
2 'polypeptide(L)' PNIEMFVVEGYSDQQKEALVGALTQATVEAIGAPIDSVRVWLTEVPATQFGIGGKTVAAIAAGQE B,C,D
#
# COMPACT_ATOMS: atom_id res chain seq x y z
N SER A 1 7.87 9.00 6.54
CA SER A 1 7.72 10.31 5.94
C SER A 1 6.41 10.41 5.16
N ILE A 2 5.98 9.27 4.61
CA ILE A 2 4.70 9.15 3.92
C ILE A 2 3.79 8.27 4.77
N ILE A 3 2.61 8.78 5.11
CA ILE A 3 1.68 8.06 5.97
C ILE A 3 0.42 7.77 5.16
N GLN A 4 0.07 6.49 5.03
CA GLN A 4 -1.18 6.08 4.38
C GLN A 4 -2.15 5.50 5.41
N VAL A 5 -3.34 6.08 5.46
CA VAL A 5 -4.40 5.67 6.37
C VAL A 5 -5.51 5.05 5.53
N THR A 6 -5.97 3.88 5.95
CA THR A 6 -7.10 3.16 5.37
C THR A 6 -8.07 2.89 6.51
N PHE A 7 -9.33 3.24 6.31
CA PHE A 7 -10.28 3.18 7.41
C PHE A 7 -11.67 3.33 6.79
N ILE A 8 -12.69 2.97 7.54
CA ILE A 8 -14.02 2.85 6.97
C ILE A 8 -14.61 4.23 6.74
N ALA A 9 -15.28 4.39 5.60
CA ALA A 9 -15.95 5.65 5.28
C ALA A 9 -16.96 6.01 6.38
N GLY A 10 -17.16 7.31 6.57
CA GLY A 10 -18.05 7.76 7.63
C GLY A 10 -17.50 8.88 8.49
N ARG A 11 -16.18 9.05 8.48
CA ARG A 11 -15.56 10.14 9.23
C ARG A 11 -15.87 11.48 8.60
N THR A 12 -15.97 12.52 9.44
CA THR A 12 -16.26 13.85 8.96
C THR A 12 -14.99 14.53 8.44
N GLU A 13 -15.19 15.61 7.69
CA GLU A 13 -14.05 16.36 7.18
C GLU A 13 -13.22 16.92 8.32
N LEU A 14 -13.86 17.27 9.43
CA LEU A 14 -13.12 17.78 10.58
C LEU A 14 -12.29 16.67 11.23
N GLN A 15 -12.83 15.46 11.28
CA GLN A 15 -12.06 14.33 11.81
C GLN A 15 -10.86 14.04 10.92
N LYS A 16 -11.02 14.18 9.61
CA LYS A 16 -9.92 13.93 8.69
C LYS A 16 -8.83 14.97 8.84
N GLU A 17 -9.22 16.24 9.00
CA GLU A 17 -8.25 17.31 9.29
C GLU A 17 -7.50 17.03 10.58
N ARG A 18 -8.24 16.67 11.64
CA ARG A 18 -7.62 16.38 12.92
C ARG A 18 -6.62 15.24 12.80
N LEU A 19 -7.00 14.17 12.12
CA LEU A 19 -6.14 13.01 11.97
C LEU A 19 -4.87 13.34 11.18
N ILE A 20 -5.01 14.13 10.09
CA ILE A 20 -3.83 14.53 9.32
C ILE A 20 -2.89 15.34 10.21
N ALA A 21 -3.46 16.26 11.00
CA ALA A 21 -2.63 17.11 11.86
C ALA A 21 -1.93 16.29 12.94
N ALA A 22 -2.67 15.38 13.59
CA ALA A 22 -2.11 14.60 14.69
C ALA A 22 -1.07 13.58 14.23
N LEU A 23 -1.31 12.92 13.08
CA LEU A 23 -0.30 11.99 12.58
C LEU A 23 0.97 12.73 12.16
N THR A 24 0.82 13.93 11.60
CA THR A 24 1.99 14.71 11.24
C THR A 24 2.78 15.11 12.48
N ASP A 25 2.07 15.59 13.51
CA ASP A 25 2.72 15.95 14.77
C ASP A 25 3.48 14.76 15.36
N ALA A 26 2.88 13.56 15.31
CA ALA A 26 3.54 12.37 15.83
C ALA A 26 4.85 12.09 15.09
N ALA A 27 4.84 12.22 13.76
CA ALA A 27 6.08 12.01 12.99
C ALA A 27 7.13 13.06 13.34
N VAL A 28 6.71 14.33 13.39
CA VAL A 28 7.63 15.41 13.68
C VAL A 28 8.17 15.29 15.11
N ASP A 29 7.28 15.08 16.07
CA ASP A 29 7.71 15.09 17.47
C ASP A 29 8.48 13.83 17.86
N THR A 30 8.28 12.71 17.19
CA THR A 30 8.88 11.48 17.69
C THR A 30 10.27 11.23 17.11
N VAL A 31 10.43 11.37 15.80
CA VAL A 31 11.70 11.06 15.14
C VAL A 31 12.28 12.27 14.41
N GLY A 32 11.68 13.44 14.55
CA GLY A 32 12.31 14.63 14.02
C GLY A 32 12.24 14.77 12.51
N ILE A 33 11.24 14.17 11.87
CA ILE A 33 11.04 14.46 10.45
C ILE A 33 10.59 15.90 10.29
N GLU A 34 11.14 16.59 9.31
CA GLU A 34 10.74 17.97 9.09
C GLU A 34 9.29 18.02 8.64
N ARG A 35 8.55 18.99 9.17
CA ARG A 35 7.11 19.08 8.93
C ARG A 35 6.79 19.07 7.43
N ALA A 36 7.52 19.85 6.64
CA ALA A 36 7.21 20.01 5.22
C ALA A 36 7.42 18.73 4.43
N GLU A 37 8.16 17.78 4.99
CA GLU A 37 8.36 16.49 4.33
C GLU A 37 7.22 15.51 4.61
N VAL A 38 6.39 15.74 5.62
CA VAL A 38 5.40 14.72 6.00
C VAL A 38 4.21 14.80 5.06
N ARG A 39 3.83 13.67 4.49
CA ARG A 39 2.66 13.54 3.65
C ARG A 39 1.71 12.53 4.30
N VAL A 40 0.43 12.86 4.34
CA VAL A 40 -0.59 11.94 4.89
C VAL A 40 -1.67 11.75 3.83
N ILE A 41 -1.98 10.50 3.52
CA ILE A 41 -3.04 10.18 2.59
C ILE A 41 -4.09 9.37 3.32
N LEU A 42 -5.33 9.81 3.25
CA LEU A 42 -6.45 9.11 3.85
C LEU A 42 -7.29 8.44 2.76
N LYS A 43 -7.62 7.16 2.95
CA LYS A 43 -8.45 6.41 2.02
C LYS A 43 -9.71 5.93 2.74
N ASP A 44 -10.86 6.40 2.26
CA ASP A 44 -12.17 5.99 2.77
C ASP A 44 -12.62 4.72 2.05
N ILE A 45 -12.86 3.65 2.80
CA ILE A 45 -13.33 2.40 2.21
C ILE A 45 -14.81 2.26 2.55
N PRO A 46 -15.70 2.18 1.56
CA PRO A 46 -17.13 1.96 1.85
C PRO A 46 -17.35 0.74 2.74
N ASN A 47 -18.46 0.68 3.48
CA ASN A 47 -18.65 -0.45 4.37
C ASN A 47 -18.97 -1.76 3.64
N THR A 48 -19.30 -1.70 2.35
CA THR A 48 -19.59 -2.85 1.50
C THR A 48 -18.33 -3.45 0.89
N ASP A 49 -17.20 -3.10 1.47
CA ASP A 49 -15.90 -3.07 0.85
C ASP A 49 -14.81 -3.43 1.85
N TYR A 50 -15.20 -3.44 3.14
CA TYR A 50 -14.29 -3.60 4.27
C TYR A 50 -14.79 -4.75 5.14
N GLY A 51 -13.95 -5.75 5.38
CA GLY A 51 -14.32 -6.91 6.16
C GLY A 51 -13.71 -6.91 7.55
N ILE A 52 -14.53 -7.19 8.56
CA ILE A 52 -14.10 -7.56 9.90
C ILE A 52 -14.36 -9.05 10.07
N ALA A 53 -13.30 -9.81 10.33
CA ALA A 53 -13.39 -11.24 10.63
C ALA A 53 -14.27 -11.99 9.62
N GLY A 54 -14.24 -11.55 8.36
CA GLY A 54 -14.98 -12.20 7.30
C GLY A 54 -16.25 -11.50 6.87
N GLN A 55 -16.87 -10.72 7.76
CA GLN A 55 -18.09 -10.04 7.39
C GLN A 55 -17.82 -8.59 7.04
N THR A 56 -18.63 -8.04 6.15
CA THR A 56 -18.45 -6.65 5.75
C THR A 56 -18.81 -5.72 6.89
N ALA A 57 -18.32 -4.49 6.80
CA ALA A 57 -18.65 -3.49 7.79
C ALA A 57 -20.14 -3.19 7.79
N ARG A 58 -20.77 -3.17 6.60
CA ARG A 58 -22.20 -2.92 6.54
C ARG A 58 -22.99 -4.02 7.24
N SER A 59 -22.60 -5.28 7.01
CA SER A 59 -23.26 -6.41 7.69
C SER A 59 -23.30 -6.23 9.20
N LEU A 60 -22.32 -5.52 9.76
CA LEU A 60 -22.20 -5.36 11.20
C LEU A 60 -22.71 -4.02 11.70
N GLY A 61 -23.35 -3.24 10.82
CA GLY A 61 -23.88 -1.94 11.19
C GLY A 61 -22.82 -0.89 11.50
N ARG A 62 -21.91 -0.65 10.55
CA ARG A 62 -20.79 0.25 10.76
C ARG A 62 -20.54 1.07 9.50
N GLY A 63 -20.13 2.32 9.70
CA GLY A 63 -19.71 3.16 8.59
C GLY A 63 -20.85 3.51 7.65
N VAL A 64 -20.46 3.94 6.44
CA VAL A 64 -21.41 4.32 5.39
C VAL A 64 -20.96 3.72 4.07
N ASP A 65 -21.82 3.87 3.06
CA ASP A 65 -21.57 3.28 1.75
C ASP A 65 -20.89 4.31 0.84
N ARG A 66 -20.59 3.87 -0.39
CA ARG A 66 -19.94 4.74 -1.36
C ARG A 66 -20.78 5.95 -1.72
N HIS A 67 -22.05 5.98 -1.35
CA HIS A 67 -22.90 7.14 -1.61
C HIS A 67 -22.89 8.14 -0.48
N GLY A 68 -22.59 7.71 0.75
CA GLY A 68 -22.33 8.63 1.85
C GLY A 68 -23.21 8.46 3.06
N ARG A 69 -24.20 7.56 3.05
CA ARG A 69 -25.07 7.32 4.20
C ARG A 69 -25.52 5.87 4.14
N ALA A 70 -25.39 5.16 5.25
CA ALA A 70 -25.76 3.76 5.27
C ALA A 70 -26.08 3.37 6.71
N PRO A 71 -26.73 2.21 6.92
CA PRO A 71 -26.94 1.67 8.26
C PRO A 71 -25.71 0.91 8.76
N PRO B 1 -3.18 -9.82 10.21
CA PRO B 1 -3.01 -9.78 8.76
C PRO B 1 -3.99 -8.82 8.09
N ASN B 2 -3.49 -8.10 7.08
CA ASN B 2 -4.29 -7.15 6.32
C ASN B 2 -4.24 -7.54 4.85
N ILE B 3 -5.41 -7.70 4.26
CA ILE B 3 -5.55 -8.10 2.86
C ILE B 3 -6.19 -6.95 2.12
N GLU B 4 -5.47 -6.37 1.16
CA GLU B 4 -6.01 -5.33 0.29
C GLU B 4 -6.06 -5.85 -1.13
N MET B 5 -7.24 -5.85 -1.72
CA MET B 5 -7.41 -6.25 -3.11
C MET B 5 -7.82 -5.05 -3.96
N PHE B 6 -7.07 -4.79 -5.02
CA PHE B 6 -7.44 -3.77 -5.98
C PHE B 6 -8.32 -4.40 -7.04
N VAL B 7 -9.53 -3.88 -7.21
CA VAL B 7 -10.46 -4.39 -8.21
C VAL B 7 -10.91 -3.22 -9.07
N VAL B 8 -11.10 -3.47 -10.37
CA VAL B 8 -11.74 -2.45 -11.19
C VAL B 8 -13.19 -2.35 -10.76
N GLU B 9 -13.73 -1.14 -10.78
CA GLU B 9 -15.14 -0.96 -10.42
C GLU B 9 -16.01 -1.83 -11.31
N GLY B 10 -17.21 -2.14 -10.83
CA GLY B 10 -18.11 -2.94 -11.62
C GLY B 10 -18.79 -4.04 -10.83
N TYR B 11 -18.07 -4.62 -9.86
CA TYR B 11 -18.66 -5.63 -9.01
C TYR B 11 -19.80 -5.05 -8.19
N SER B 12 -20.70 -5.93 -7.78
CA SER B 12 -21.83 -5.56 -6.95
C SER B 12 -21.51 -5.86 -5.49
N ASP B 13 -22.32 -5.28 -4.59
CA ASP B 13 -22.09 -5.43 -3.16
C ASP B 13 -21.99 -6.90 -2.78
N GLN B 14 -22.77 -7.73 -3.47
CA GLN B 14 -22.93 -9.14 -3.11
C GLN B 14 -21.70 -9.93 -3.52
N GLN B 15 -21.28 -9.73 -4.77
CA GLN B 15 -19.95 -10.15 -5.23
C GLN B 15 -18.85 -9.71 -4.26
N LYS B 16 -18.91 -8.45 -3.83
CA LYS B 16 -17.90 -7.94 -2.90
C LYS B 16 -17.97 -8.70 -1.58
N GLU B 17 -19.17 -8.81 -1.03
CA GLU B 17 -19.37 -9.51 0.23
C GLU B 17 -18.79 -10.91 0.18
N ALA B 18 -19.04 -11.64 -0.90
CA ALA B 18 -18.53 -13.00 -1.02
C ALA B 18 -17.01 -13.01 -1.21
N LEU B 19 -16.47 -12.01 -1.91
CA LEU B 19 -15.01 -11.92 -2.06
C LEU B 19 -14.35 -11.71 -0.70
N VAL B 20 -14.90 -10.83 0.13
CA VAL B 20 -14.31 -10.54 1.43
C VAL B 20 -14.22 -11.81 2.28
N GLY B 21 -15.35 -12.53 2.40
CA GLY B 21 -15.36 -13.73 3.21
C GLY B 21 -14.42 -14.79 2.68
N ALA B 22 -14.36 -14.93 1.35
CA ALA B 22 -13.49 -15.95 0.77
C ALA B 22 -12.02 -15.62 1.02
N LEU B 23 -11.65 -14.34 0.92
CA LEU B 23 -10.27 -13.94 1.19
C LEU B 23 -9.93 -14.14 2.66
N THR B 24 -10.87 -13.82 3.55
CA THR B 24 -10.66 -14.09 4.97
C THR B 24 -10.51 -15.59 5.22
N GLN B 25 -11.50 -16.38 4.78
CA GLN B 25 -11.42 -17.82 4.97
C GLN B 25 -10.14 -18.38 4.37
N ALA B 26 -9.83 -18.03 3.11
CA ALA B 26 -8.60 -18.47 2.49
C ALA B 26 -7.37 -18.18 3.36
N THR B 27 -7.36 -17.03 4.03
CA THR B 27 -6.24 -16.67 4.89
C THR B 27 -6.22 -17.52 6.16
N VAL B 28 -7.35 -17.58 6.86
CA VAL B 28 -7.49 -18.49 7.99
C VAL B 28 -7.16 -19.92 7.58
N GLU B 29 -7.59 -20.34 6.39
CA GLU B 29 -7.43 -21.71 5.93
C GLU B 29 -6.06 -21.99 5.31
N ALA B 30 -5.24 -20.96 5.15
CA ALA B 30 -3.91 -21.17 4.60
C ALA B 30 -2.82 -21.18 5.67
N ILE B 31 -2.84 -20.22 6.60
CA ILE B 31 -1.76 -20.02 7.54
C ILE B 31 -2.17 -20.23 8.99
N GLY B 32 -3.46 -20.28 9.29
CA GLY B 32 -3.90 -20.49 10.65
C GLY B 32 -3.99 -19.25 11.49
N ALA B 33 -4.26 -18.11 10.89
CA ALA B 33 -4.47 -16.90 11.68
C ALA B 33 -5.85 -16.90 12.30
N PRO B 34 -6.01 -16.41 13.54
CA PRO B 34 -7.36 -16.24 14.08
C PRO B 34 -8.18 -15.33 13.18
N ILE B 35 -9.42 -15.76 12.91
CA ILE B 35 -10.27 -15.02 11.97
C ILE B 35 -10.50 -13.59 12.45
N ASP B 36 -10.48 -13.38 13.77
CA ASP B 36 -10.71 -12.04 14.31
C ASP B 36 -9.59 -11.07 13.97
N SER B 37 -8.42 -11.58 13.60
CA SER B 37 -7.26 -10.77 13.29
C SER B 37 -7.15 -10.41 11.82
N VAL B 38 -8.02 -10.95 10.97
CA VAL B 38 -7.90 -10.80 9.52
C VAL B 38 -8.73 -9.62 9.04
N ARG B 39 -8.07 -8.61 8.50
CA ARG B 39 -8.75 -7.47 7.87
C ARG B 39 -8.62 -7.56 6.36
N VAL B 40 -9.75 -7.46 5.68
CA VAL B 40 -9.81 -7.44 4.22
C VAL B 40 -10.54 -6.19 3.80
N TRP B 41 -10.00 -5.49 2.79
CA TRP B 41 -10.77 -4.45 2.13
C TRP B 41 -10.47 -4.43 0.64
N LEU B 42 -11.46 -4.01 -0.13
CA LEU B 42 -11.33 -3.88 -1.56
C LEU B 42 -11.12 -2.41 -1.88
N THR B 43 -10.14 -2.14 -2.73
CA THR B 43 -9.93 -0.81 -3.30
C THR B 43 -10.38 -0.89 -4.75
N GLU B 44 -11.50 -0.27 -5.08
CA GLU B 44 -11.98 -0.31 -6.46
C GLU B 44 -11.36 0.84 -7.24
N VAL B 45 -10.81 0.53 -8.40
CA VAL B 45 -10.11 1.50 -9.23
C VAL B 45 -11.03 1.80 -10.43
N PRO B 46 -11.40 3.06 -10.65
CA PRO B 46 -12.15 3.38 -11.88
C PRO B 46 -11.38 2.94 -13.11
N ALA B 47 -12.12 2.62 -14.16
CA ALA B 47 -11.50 2.09 -15.37
C ALA B 47 -10.66 3.15 -16.09
N THR B 48 -10.92 4.42 -15.82
CA THR B 48 -10.10 5.50 -16.34
C THR B 48 -8.73 5.60 -15.66
N GLN B 49 -8.48 4.76 -14.65
CA GLN B 49 -7.33 4.92 -13.78
C GLN B 49 -6.48 3.66 -13.63
N PHE B 50 -6.79 2.59 -14.37
CA PHE B 50 -6.03 1.36 -14.20
C PHE B 50 -5.57 0.87 -15.57
N GLY B 51 -4.26 0.77 -15.73
CA GLY B 51 -3.63 0.52 -17.03
C GLY B 51 -3.02 -0.83 -17.11
N ILE B 52 -3.16 -1.47 -18.27
CA ILE B 52 -2.55 -2.75 -18.58
C ILE B 52 -1.72 -2.54 -19.83
N GLY B 53 -0.43 -2.84 -19.75
CA GLY B 53 0.47 -2.57 -20.85
C GLY B 53 0.46 -1.15 -21.34
N GLY B 54 0.12 -0.19 -20.47
CA GLY B 54 0.16 1.21 -20.82
C GLY B 54 -1.15 1.81 -21.28
N LYS B 55 -2.20 1.02 -21.44
CA LYS B 55 -3.50 1.52 -21.87
C LYS B 55 -4.48 1.38 -20.72
N THR B 56 -5.38 2.36 -20.57
CA THR B 56 -6.39 2.23 -19.54
C THR B 56 -7.41 1.17 -19.91
N VAL B 57 -8.02 0.57 -18.89
CA VAL B 57 -9.10 -0.39 -19.11
C VAL B 57 -10.25 0.28 -19.86
N ALA B 58 -10.52 1.55 -19.54
CA ALA B 58 -11.53 2.30 -20.26
C ALA B 58 -11.21 2.42 -21.75
N ALA B 59 -9.93 2.70 -22.07
CA ALA B 59 -9.56 2.90 -23.47
C ALA B 59 -9.60 1.58 -24.25
N ILE B 60 -9.09 0.50 -23.66
CA ILE B 60 -9.21 -0.83 -24.25
C ILE B 60 -10.65 -1.11 -24.62
N ALA B 61 -11.58 -0.82 -23.71
CA ALA B 61 -13.01 -1.00 -23.93
C ALA B 61 -13.67 0.15 -24.69
N ALA B 62 -12.99 0.68 -25.70
CA ALA B 62 -13.61 1.65 -26.59
C ALA B 62 -14.18 1.02 -27.85
N GLY B 63 -13.92 -0.26 -28.09
CA GLY B 63 -14.45 -0.97 -29.24
C GLY B 63 -14.46 -2.48 -29.03
N PRO C 1 -8.99 1.28 11.86
CA PRO C 1 -7.97 2.08 11.17
C PRO C 1 -6.67 1.33 10.95
N ASN C 2 -6.09 1.54 9.77
CA ASN C 2 -4.79 0.99 9.40
C ASN C 2 -3.89 2.16 9.04
N ILE C 3 -2.76 2.27 9.72
CA ILE C 3 -1.81 3.35 9.49
C ILE C 3 -0.51 2.70 9.02
N GLU C 4 -0.13 2.94 7.77
CA GLU C 4 1.17 2.53 7.26
C GLU C 4 2.07 3.76 7.10
N MET C 5 3.23 3.76 7.74
CA MET C 5 4.19 4.83 7.54
C MET C 5 5.44 4.32 6.85
N PHE C 6 5.75 4.90 5.69
CA PHE C 6 7.00 4.59 5.01
C PHE C 6 8.11 5.44 5.60
N VAL C 7 9.17 4.78 6.03
CA VAL C 7 10.30 5.47 6.65
C VAL C 7 11.57 5.02 5.96
N VAL C 8 12.54 5.92 5.88
CA VAL C 8 13.86 5.51 5.41
C VAL C 8 14.53 4.68 6.49
N GLU C 9 15.25 3.65 6.06
CA GLU C 9 16.08 2.88 6.96
C GLU C 9 17.00 3.78 7.78
N GLY C 10 17.17 3.44 9.04
CA GLY C 10 18.07 4.23 9.86
C GLY C 10 17.57 4.50 11.28
N TYR C 11 16.27 4.35 11.53
CA TYR C 11 15.74 4.58 12.86
C TYR C 11 16.01 3.37 13.75
N SER C 12 16.35 3.63 15.00
CA SER C 12 16.58 2.54 15.94
C SER C 12 15.26 1.86 16.30
N ASP C 13 15.39 0.68 16.90
CA ASP C 13 14.21 -0.05 17.36
C ASP C 13 13.45 0.76 18.41
N GLN C 14 14.17 1.46 19.29
CA GLN C 14 13.49 2.32 20.26
C GLN C 14 12.70 3.43 19.57
N GLN C 15 13.30 4.07 18.57
CA GLN C 15 12.58 5.10 17.82
C GLN C 15 11.35 4.52 17.15
N LYS C 16 11.49 3.34 16.53
CA LYS C 16 10.34 2.74 15.85
C LYS C 16 9.24 2.39 16.84
N GLU C 17 9.62 1.81 17.98
CA GLU C 17 8.65 1.58 19.05
C GLU C 17 7.95 2.88 19.44
N ALA C 18 8.71 3.96 19.63
CA ALA C 18 8.08 5.23 20.00
C ALA C 18 7.15 5.73 18.91
N LEU C 19 7.57 5.59 17.65
CA LEU C 19 6.75 6.06 16.53
C LEU C 19 5.45 5.28 16.42
N VAL C 20 5.51 3.95 16.54
CA VAL C 20 4.30 3.14 16.46
C VAL C 20 3.32 3.56 17.55
N GLY C 21 3.81 3.79 18.76
CA GLY C 21 2.92 4.21 19.84
C GLY C 21 2.33 5.60 19.60
N ALA C 22 3.17 6.54 19.12
CA ALA C 22 2.65 7.89 18.96
C ALA C 22 1.66 7.98 17.80
N LEU C 23 1.86 7.20 16.73
CA LEU C 23 0.89 7.18 15.64
C LEU C 23 -0.42 6.56 16.10
N THR C 24 -0.34 5.53 16.96
CA THR C 24 -1.54 4.91 17.49
C THR C 24 -2.32 5.91 18.35
N GLN C 25 -1.62 6.57 19.27
CA GLN C 25 -2.29 7.52 20.14
C GLN C 25 -2.85 8.70 19.37
N ALA C 26 -2.12 9.19 18.36
CA ALA C 26 -2.65 10.26 17.52
C ALA C 26 -3.97 9.84 16.90
N THR C 27 -4.08 8.59 16.46
CA THR C 27 -5.30 8.11 15.83
C THR C 27 -6.44 8.00 16.83
N VAL C 28 -6.16 7.46 18.02
CA VAL C 28 -7.20 7.37 19.05
C VAL C 28 -7.77 8.74 19.36
N GLU C 29 -6.90 9.73 19.57
CA GLU C 29 -7.37 11.05 19.97
C GLU C 29 -8.05 11.79 18.83
N ALA C 30 -7.56 11.65 17.59
CA ALA C 30 -8.08 12.52 16.53
C ALA C 30 -9.47 12.08 16.09
N ILE C 31 -9.74 10.78 16.03
CA ILE C 31 -11.01 10.28 15.53
C ILE C 31 -11.75 9.42 16.54
N GLY C 32 -11.20 9.26 17.75
CA GLY C 32 -11.90 8.51 18.77
C GLY C 32 -12.01 7.03 18.51
N ALA C 33 -11.03 6.43 17.83
CA ALA C 33 -11.08 4.99 17.60
C ALA C 33 -10.49 4.24 18.81
N PRO C 34 -11.14 3.17 19.26
CA PRO C 34 -10.56 2.35 20.33
C PRO C 34 -9.19 1.83 19.94
N ILE C 35 -8.26 1.89 20.91
CA ILE C 35 -6.85 1.64 20.63
C ILE C 35 -6.63 0.23 20.05
N ASP C 36 -7.37 -0.76 20.53
CA ASP C 36 -7.24 -2.12 20.00
C ASP C 36 -7.70 -2.27 18.56
N SER C 37 -8.43 -1.30 18.02
CA SER C 37 -8.80 -1.36 16.61
C SER C 37 -7.75 -0.75 15.68
N VAL C 38 -6.77 -0.04 16.22
CA VAL C 38 -5.83 0.75 15.43
C VAL C 38 -4.60 -0.11 15.11
N ARG C 39 -4.42 -0.47 13.84
CA ARG C 39 -3.22 -1.16 13.40
C ARG C 39 -2.26 -0.15 12.78
N VAL C 40 -1.05 -0.08 13.32
CA VAL C 40 0.00 0.79 12.80
C VAL C 40 1.21 -0.07 12.48
N TRP C 41 1.80 0.17 11.31
CA TRP C 41 3.07 -0.46 11.02
C TRP C 41 3.92 0.47 10.17
N LEU C 42 5.24 0.29 10.28
CA LEU C 42 6.20 1.00 9.47
C LEU C 42 6.67 0.08 8.35
N THR C 43 6.75 0.64 7.15
CA THR C 43 7.39 0.01 5.98
C THR C 43 8.72 0.71 5.77
N GLU C 44 9.80 0.00 6.04
CA GLU C 44 11.12 0.61 6.01
C GLU C 44 11.68 0.48 4.60
N VAL C 45 12.23 1.57 4.08
CA VAL C 45 12.70 1.70 2.72
C VAL C 45 14.20 1.96 2.78
N PRO C 46 15.06 1.19 2.13
CA PRO C 46 16.45 1.62 2.01
C PRO C 46 16.55 2.97 1.32
N ALA C 47 17.58 3.74 1.71
CA ALA C 47 17.70 5.12 1.24
C ALA C 47 17.94 5.19 -0.26
N THR C 48 18.45 4.12 -0.87
CA THR C 48 18.57 4.00 -2.32
C THR C 48 17.24 3.73 -3.01
N GLN C 49 16.15 3.57 -2.25
CA GLN C 49 14.85 3.24 -2.83
C GLN C 49 13.78 4.26 -2.50
N PHE C 50 14.15 5.39 -1.89
CA PHE C 50 13.22 6.44 -1.54
C PHE C 50 13.65 7.67 -2.33
N GLY C 51 12.79 8.16 -3.21
CA GLY C 51 13.10 9.27 -4.10
C GLY C 51 12.31 10.52 -3.73
N ILE C 52 13.01 11.65 -3.72
CA ILE C 52 12.40 12.96 -3.56
C ILE C 52 12.88 13.83 -4.72
N GLY C 53 11.94 14.39 -5.49
CA GLY C 53 12.38 15.20 -6.62
C GLY C 53 13.20 14.45 -7.64
N GLY C 54 13.05 13.13 -7.70
CA GLY C 54 13.81 12.32 -8.62
C GLY C 54 15.17 11.89 -8.13
N LYS C 55 15.55 12.25 -6.91
CA LYS C 55 16.85 11.87 -6.34
C LYS C 55 16.61 10.91 -5.19
N THR C 56 17.51 9.96 -5.00
CA THR C 56 17.35 9.07 -3.84
C THR C 56 17.78 9.78 -2.56
N VAL C 57 17.17 9.37 -1.45
CA VAL C 57 17.59 9.91 -0.15
C VAL C 57 19.07 9.65 0.07
N ALA C 58 19.57 8.52 -0.44
CA ALA C 58 21.00 8.23 -0.35
C ALA C 58 21.85 9.26 -1.09
N ALA C 59 21.41 9.67 -2.28
CA ALA C 59 22.17 10.69 -3.02
C ALA C 59 22.03 12.05 -2.37
N ILE C 60 20.85 12.35 -1.83
CA ILE C 60 20.66 13.62 -1.14
C ILE C 60 21.54 13.67 0.10
N ALA C 61 21.55 12.59 0.90
CA ALA C 61 22.42 12.53 2.06
C ALA C 61 23.89 12.69 1.67
N ALA C 62 24.33 12.01 0.62
CA ALA C 62 25.72 12.10 0.17
C ALA C 62 26.07 13.46 -0.42
N GLY C 63 25.09 14.36 -0.59
CA GLY C 63 25.36 15.70 -1.08
C GLY C 63 25.27 16.73 0.02
N GLN C 64 25.47 16.28 1.26
CA GLN C 64 25.34 17.11 2.45
C GLN C 64 23.93 17.70 2.56
N PRO D 1 6.21 -5.54 -12.43
CA PRO D 1 6.19 -4.28 -11.67
C PRO D 1 4.76 -3.77 -11.49
N ASN D 2 4.42 -3.37 -10.27
CA ASN D 2 3.16 -2.69 -9.98
C ASN D 2 3.45 -1.26 -9.55
N ILE D 3 2.78 -0.31 -10.18
CA ILE D 3 2.96 1.11 -9.88
C ILE D 3 1.61 1.67 -9.48
N GLU D 4 1.50 2.09 -8.22
CA GLU D 4 0.36 2.83 -7.73
C GLU D 4 0.77 4.28 -7.51
N MET D 5 0.09 5.21 -8.17
CA MET D 5 0.32 6.63 -7.99
C MET D 5 -0.88 7.30 -7.35
N PHE D 6 -0.67 7.90 -6.20
CA PHE D 6 -1.69 8.69 -5.53
C PHE D 6 -1.70 10.10 -6.11
N VAL D 7 -2.83 10.52 -6.65
CA VAL D 7 -2.98 11.86 -7.21
C VAL D 7 -4.13 12.55 -6.51
N VAL D 8 -3.99 13.86 -6.30
CA VAL D 8 -5.11 14.62 -5.76
C VAL D 8 -6.15 14.79 -6.87
N GLU D 9 -7.43 14.84 -6.48
CA GLU D 9 -8.49 15.01 -7.47
C GLU D 9 -8.25 16.29 -8.27
N GLY D 10 -8.66 16.26 -9.53
CA GLY D 10 -8.58 17.44 -10.38
C GLY D 10 -8.03 17.19 -11.76
N TYR D 11 -7.38 16.05 -11.99
CA TYR D 11 -6.86 15.77 -13.31
C TYR D 11 -7.98 15.22 -14.21
N SER D 12 -7.91 15.56 -15.49
CA SER D 12 -8.87 15.08 -16.46
C SER D 12 -8.63 13.61 -16.75
N ASP D 13 -9.62 12.96 -17.36
CA ASP D 13 -9.41 11.57 -17.75
C ASP D 13 -8.30 11.44 -18.77
N GLN D 14 -8.10 12.47 -19.61
CA GLN D 14 -7.04 12.39 -20.59
C GLN D 14 -5.66 12.60 -19.96
N GLN D 15 -5.57 13.43 -18.93
CA GLN D 15 -4.32 13.51 -18.17
C GLN D 15 -4.00 12.18 -17.47
N LYS D 16 -5.03 11.51 -16.93
CA LYS D 16 -4.82 10.23 -16.27
C LYS D 16 -4.35 9.17 -17.27
N GLU D 17 -4.91 9.19 -18.46
CA GLU D 17 -4.50 8.24 -19.50
C GLU D 17 -3.06 8.46 -19.89
N ALA D 18 -2.65 9.72 -20.07
CA ALA D 18 -1.27 10.02 -20.43
C ALA D 18 -0.33 9.66 -19.28
N LEU D 19 -0.77 9.86 -18.04
CA LEU D 19 0.04 9.50 -16.88
C LEU D 19 0.28 7.99 -16.82
N VAL D 20 -0.77 7.19 -16.98
CA VAL D 20 -0.55 5.74 -16.90
C VAL D 20 0.35 5.29 -18.05
N GLY D 21 0.21 5.91 -19.22
CA GLY D 21 1.10 5.60 -20.33
C GLY D 21 2.53 6.01 -20.07
N ALA D 22 2.73 7.22 -19.53
CA ALA D 22 4.10 7.69 -19.31
C ALA D 22 4.77 6.95 -18.15
N LEU D 23 4.02 6.61 -17.11
CA LEU D 23 4.55 5.79 -16.03
C LEU D 23 4.95 4.40 -16.52
N THR D 24 4.11 3.80 -17.37
CA THR D 24 4.42 2.50 -17.95
C THR D 24 5.70 2.54 -18.76
N GLN D 25 5.80 3.51 -19.68
CA GLN D 25 6.98 3.59 -20.54
C GLN D 25 8.23 3.92 -19.76
N ALA D 26 8.11 4.71 -18.68
CA ALA D 26 9.26 5.01 -17.85
C ALA D 26 9.81 3.74 -17.21
N THR D 27 8.92 2.84 -16.79
CA THR D 27 9.33 1.58 -16.20
C THR D 27 10.01 0.68 -17.22
N VAL D 28 9.38 0.51 -18.37
CA VAL D 28 9.97 -0.26 -19.47
C VAL D 28 11.39 0.20 -19.75
N GLU D 29 11.57 1.50 -19.94
CA GLU D 29 12.88 2.04 -20.28
C GLU D 29 13.87 1.89 -19.12
N ALA D 30 13.41 2.13 -17.88
CA ALA D 30 14.37 2.21 -16.79
C ALA D 30 14.86 0.84 -16.34
N ILE D 31 13.99 -0.17 -16.31
CA ILE D 31 14.38 -1.47 -15.80
C ILE D 31 14.17 -2.58 -16.83
N GLY D 32 13.85 -2.23 -18.07
CA GLY D 32 13.74 -3.22 -19.11
C GLY D 32 12.63 -4.23 -18.91
N ALA D 33 11.59 -3.89 -18.15
CA ALA D 33 10.46 -4.79 -18.01
C ALA D 33 9.66 -4.82 -19.31
N PRO D 34 9.14 -5.99 -19.71
CA PRO D 34 8.25 -6.03 -20.87
C PRO D 34 6.93 -5.31 -20.58
N ILE D 35 6.48 -4.51 -21.56
CA ILE D 35 5.40 -3.57 -21.30
C ILE D 35 4.16 -4.26 -20.79
N ASP D 36 3.90 -5.51 -21.20
CA ASP D 36 2.65 -6.14 -20.82
C ASP D 36 2.67 -6.67 -19.39
N SER D 37 3.85 -6.78 -18.78
CA SER D 37 3.94 -7.13 -17.37
C SER D 37 3.72 -5.94 -16.43
N VAL D 38 3.77 -4.71 -16.94
CA VAL D 38 3.69 -3.53 -16.08
C VAL D 38 2.22 -3.22 -15.78
N ARG D 39 1.89 -3.11 -14.50
CA ARG D 39 0.58 -2.65 -14.08
C ARG D 39 0.75 -1.29 -13.42
N VAL D 40 -0.01 -0.32 -13.90
CA VAL D 40 -0.01 1.03 -13.36
C VAL D 40 -1.44 1.39 -13.03
N TRP D 41 -1.69 1.83 -11.80
CA TRP D 41 -3.00 2.38 -11.51
C TRP D 41 -2.86 3.64 -10.68
N LEU D 42 -3.86 4.50 -10.81
CA LEU D 42 -3.90 5.74 -10.06
C LEU D 42 -4.91 5.59 -8.94
N THR D 43 -4.58 6.13 -7.79
CA THR D 43 -5.50 6.25 -6.67
C THR D 43 -5.75 7.73 -6.46
N GLU D 44 -6.98 8.16 -6.68
CA GLU D 44 -7.32 9.55 -6.53
C GLU D 44 -7.72 9.87 -5.10
N VAL D 45 -7.09 10.88 -4.54
CA VAL D 45 -7.29 11.33 -3.16
C VAL D 45 -8.02 12.66 -3.20
N PRO D 46 -9.20 12.79 -2.56
CA PRO D 46 -9.80 14.12 -2.41
C PRO D 46 -8.86 15.07 -1.68
N ALA D 47 -8.97 16.36 -1.99
CA ALA D 47 -8.05 17.34 -1.41
C ALA D 47 -8.22 17.45 0.10
N THR D 48 -9.41 17.15 0.62
CA THR D 48 -9.65 17.08 2.05
C THR D 48 -8.97 15.89 2.70
N GLN D 49 -8.36 15.01 1.90
CA GLN D 49 -7.78 13.76 2.40
C GLN D 49 -6.30 13.65 2.08
N PHE D 50 -5.68 14.73 1.64
CA PHE D 50 -4.27 14.74 1.26
C PHE D 50 -3.60 15.82 2.07
N GLY D 51 -2.69 15.39 3.00
CA GLY D 51 -2.03 16.30 3.90
C GLY D 51 -0.61 16.55 3.50
N ILE D 52 -0.20 17.82 3.53
CA ILE D 52 1.18 18.26 3.36
C ILE D 52 1.54 19.10 4.58
N GLY D 53 2.53 18.65 5.35
CA GLY D 53 2.96 19.40 6.51
C GLY D 53 1.89 19.59 7.57
N GLY D 54 0.91 18.68 7.64
CA GLY D 54 -0.16 18.75 8.60
C GLY D 54 -1.41 19.48 8.14
N LYS D 55 -1.37 20.10 6.96
CA LYS D 55 -2.48 20.86 6.39
C LYS D 55 -3.03 20.13 5.17
N THR D 56 -4.34 20.12 5.00
CA THR D 56 -4.90 19.49 3.81
C THR D 56 -4.67 20.34 2.57
N VAL D 57 -4.61 19.67 1.42
CA VAL D 57 -4.48 20.38 0.15
C VAL D 57 -5.63 21.37 -0.05
N ALA D 58 -6.83 20.97 0.34
CA ALA D 58 -7.96 21.90 0.33
C ALA D 58 -7.66 23.15 1.15
N ALA D 59 -7.18 22.99 2.39
CA ALA D 59 -6.89 24.17 3.21
C ALA D 59 -5.78 25.01 2.58
N ILE D 60 -4.75 24.35 2.04
CA ILE D 60 -3.66 25.06 1.38
C ILE D 60 -4.17 25.90 0.23
N ALA D 61 -5.07 25.32 -0.59
CA ALA D 61 -5.58 26.00 -1.78
C ALA D 61 -6.53 27.13 -1.42
N ALA D 62 -7.30 26.98 -0.35
CA ALA D 62 -8.23 28.01 0.10
C ALA D 62 -7.54 29.35 0.36
N SER E 1 -7.66 -7.92 -8.86
CA SER E 1 -6.61 -8.56 -9.64
C SER E 1 -5.24 -8.44 -9.02
N ILE E 2 -5.06 -7.52 -8.07
CA ILE E 2 -3.81 -7.34 -7.35
C ILE E 2 -4.14 -7.48 -5.87
N ILE E 3 -3.48 -8.41 -5.19
CA ILE E 3 -3.79 -8.68 -3.79
C ILE E 3 -2.53 -8.40 -2.97
N GLN E 4 -2.63 -7.44 -2.05
CA GLN E 4 -1.50 -7.05 -1.19
C GLN E 4 -1.78 -7.50 0.22
N VAL E 5 -0.85 -8.28 0.79
CA VAL E 5 -1.01 -8.83 2.13
C VAL E 5 0.08 -8.26 2.99
N THR E 6 -0.30 -7.70 4.14
CA THR E 6 0.64 -7.19 5.12
C THR E 6 0.45 -7.97 6.40
N PHE E 7 1.56 -8.47 6.96
CA PHE E 7 1.43 -9.33 8.12
C PHE E 7 2.82 -9.42 8.76
N ILE E 8 2.85 -9.84 10.01
CA ILE E 8 4.10 -9.85 10.76
C ILE E 8 5.05 -10.88 10.17
N ALA E 9 6.33 -10.54 10.14
CA ALA E 9 7.33 -11.45 9.63
C ALA E 9 7.39 -12.70 10.50
N GLY E 10 7.75 -13.83 9.88
CA GLY E 10 7.84 -15.09 10.62
C GLY E 10 7.30 -16.29 9.88
N ARG E 11 6.39 -16.06 8.93
CA ARG E 11 5.81 -17.16 8.17
C ARG E 11 6.84 -17.78 7.25
N THR E 12 6.66 -19.09 7.01
CA THR E 12 7.55 -19.89 6.19
C THR E 12 7.23 -19.74 4.71
N GLU E 13 8.21 -20.08 3.89
CA GLU E 13 8.03 -20.18 2.44
C GLU E 13 6.79 -21.00 2.08
N LEU E 14 6.59 -22.14 2.76
CA LEU E 14 5.46 -23.00 2.41
C LEU E 14 4.13 -22.39 2.83
N GLN E 15 4.07 -21.79 4.02
CA GLN E 15 2.90 -21.02 4.40
C GLN E 15 2.58 -19.95 3.32
N LYS E 16 3.61 -19.29 2.78
CA LYS E 16 3.40 -18.17 1.85
C LYS E 16 2.80 -18.65 0.54
N GLU E 17 3.41 -19.69 0.00
CA GLU E 17 2.93 -20.40 -1.16
C GLU E 17 1.53 -20.95 -0.97
N ARG E 18 1.19 -21.47 0.22
CA ARG E 18 -0.19 -21.85 0.49
C ARG E 18 -1.11 -20.64 0.41
N LEU E 19 -0.71 -19.55 1.09
CA LEU E 19 -1.49 -18.32 1.09
C LEU E 19 -1.68 -17.80 -0.33
N ILE E 20 -0.58 -17.71 -1.09
CA ILE E 20 -0.65 -17.24 -2.48
C ILE E 20 -1.67 -18.07 -3.24
N ALA E 21 -1.61 -19.41 -3.12
CA ALA E 21 -2.55 -20.26 -3.83
C ALA E 21 -3.97 -20.02 -3.35
N ALA E 22 -4.17 -20.04 -2.03
CA ALA E 22 -5.52 -19.93 -1.48
C ALA E 22 -6.18 -18.60 -1.88
N LEU E 23 -5.45 -17.50 -1.74
CA LEU E 23 -6.02 -16.19 -2.11
C LEU E 23 -6.34 -16.13 -3.60
N THR E 24 -5.47 -16.71 -4.42
CA THR E 24 -5.74 -16.72 -5.86
C THR E 24 -6.96 -17.54 -6.19
N ASP E 25 -7.08 -18.73 -5.58
CA ASP E 25 -8.29 -19.53 -5.75
C ASP E 25 -9.53 -18.76 -5.33
N ALA E 26 -9.48 -18.12 -4.16
CA ALA E 26 -10.66 -17.42 -3.65
C ALA E 26 -11.11 -16.33 -4.62
N ALA E 27 -10.17 -15.61 -5.24
CA ALA E 27 -10.54 -14.56 -6.17
C ALA E 27 -11.17 -15.13 -7.44
N VAL E 28 -10.55 -16.17 -8.01
CA VAL E 28 -11.10 -16.74 -9.25
C VAL E 28 -12.45 -17.38 -8.97
N ASP E 29 -12.60 -18.08 -7.84
CA ASP E 29 -13.83 -18.83 -7.58
C ASP E 29 -14.99 -17.90 -7.26
N THR E 30 -14.71 -16.73 -6.67
CA THR E 30 -15.79 -15.86 -6.22
C THR E 30 -16.23 -14.89 -7.29
N VAL E 31 -15.32 -14.41 -8.13
CA VAL E 31 -15.69 -13.39 -9.11
C VAL E 31 -15.10 -13.70 -10.47
N GLY E 32 -14.60 -14.92 -10.65
CA GLY E 32 -14.25 -15.38 -11.99
C GLY E 32 -13.14 -14.62 -12.66
N ILE E 33 -12.24 -14.01 -11.88
CA ILE E 33 -11.09 -13.34 -12.47
C ILE E 33 -10.20 -14.36 -13.14
N GLU E 34 -9.57 -13.97 -14.25
CA GLU E 34 -8.57 -14.82 -14.89
C GLU E 34 -7.47 -15.17 -13.89
N ARG E 35 -7.24 -16.47 -13.71
CA ARG E 35 -6.19 -16.90 -12.79
C ARG E 35 -4.83 -16.36 -13.23
N ALA E 36 -4.59 -16.29 -14.54
CA ALA E 36 -3.29 -15.88 -15.05
C ALA E 36 -2.95 -14.44 -14.71
N GLU E 37 -3.93 -13.63 -14.31
CA GLU E 37 -3.70 -12.22 -14.08
C GLU E 37 -3.81 -11.82 -12.61
N VAL E 38 -4.00 -12.76 -11.70
CA VAL E 38 -4.03 -12.46 -10.27
C VAL E 38 -2.60 -12.36 -9.76
N ARG E 39 -2.26 -11.21 -9.19
CA ARG E 39 -0.97 -11.01 -8.55
C ARG E 39 -1.15 -10.98 -7.03
N VAL E 40 -0.26 -11.62 -6.31
CA VAL E 40 -0.31 -11.63 -4.85
C VAL E 40 1.02 -11.10 -4.34
N ILE E 41 0.96 -10.00 -3.59
CA ILE E 41 2.13 -9.35 -3.00
C ILE E 41 2.06 -9.58 -1.50
N LEU E 42 3.05 -10.27 -0.97
CA LEU E 42 3.12 -10.52 0.47
C LEU E 42 4.17 -9.58 1.04
N LYS E 43 3.78 -8.81 2.04
CA LYS E 43 4.62 -7.77 2.64
C LYS E 43 4.95 -8.20 4.07
N ASP E 44 6.14 -8.78 4.31
CA ASP E 44 6.58 -9.10 5.68
C ASP E 44 6.96 -7.84 6.46
N ILE E 45 6.37 -7.62 7.62
CA ILE E 45 6.75 -6.51 8.49
C ILE E 45 7.55 -7.06 9.66
N PRO E 46 8.81 -6.64 9.86
CA PRO E 46 9.55 -7.02 11.07
C PRO E 46 8.78 -6.69 12.34
N ASN E 47 8.90 -7.57 13.35
CA ASN E 47 8.08 -7.41 14.54
C ASN E 47 8.41 -6.14 15.31
N THR E 48 9.59 -5.56 15.10
CA THR E 48 9.93 -4.23 15.61
C THR E 48 9.15 -3.11 14.92
N ASP E 49 8.47 -3.41 13.82
CA ASP E 49 7.90 -2.37 12.95
C ASP E 49 6.38 -2.44 12.91
N TYR E 50 5.79 -3.40 13.60
CA TYR E 50 4.37 -3.70 13.52
C TYR E 50 3.75 -3.42 14.86
N GLY E 51 2.59 -2.78 14.87
CA GLY E 51 1.95 -2.32 16.10
C GLY E 51 0.64 -3.02 16.33
N ILE E 52 0.44 -3.46 17.58
CA ILE E 52 -0.82 -4.05 18.04
C ILE E 52 -1.27 -3.23 19.24
N ALA E 53 -2.38 -2.53 19.09
CA ALA E 53 -2.91 -1.65 20.14
C ALA E 53 -1.84 -0.65 20.63
N GLY E 54 -0.94 -0.25 19.74
CA GLY E 54 0.09 0.71 20.07
C GLY E 54 1.40 0.13 20.54
N GLN E 55 1.49 -1.19 20.67
CA GLN E 55 2.71 -1.87 21.12
C GLN E 55 3.28 -2.73 20.00
N THR E 56 4.60 -2.78 19.90
CA THR E 56 5.22 -3.56 18.84
C THR E 56 4.98 -5.05 19.06
N ALA E 57 4.84 -5.78 17.94
CA ALA E 57 4.73 -7.23 17.99
C ALA E 57 5.91 -7.85 18.71
N ARG E 58 7.10 -7.27 18.57
CA ARG E 58 8.25 -7.81 19.28
C ARG E 58 8.07 -7.68 20.79
N SER E 59 7.56 -6.53 21.25
CA SER E 59 7.29 -6.38 22.69
C SER E 59 6.30 -7.42 23.18
N LEU E 60 5.33 -7.80 22.35
CA LEU E 60 4.36 -8.84 22.68
C LEU E 60 4.92 -10.25 22.47
N GLY E 61 6.19 -10.40 22.12
CA GLY E 61 6.74 -11.73 21.87
C GLY E 61 6.21 -12.46 20.65
N ARG E 62 6.05 -11.77 19.52
CA ARG E 62 5.48 -12.38 18.32
C ARG E 62 6.37 -12.08 17.12
N GLY E 63 6.30 -12.96 16.12
CA GLY E 63 7.01 -12.86 14.86
C GLY E 63 8.53 -12.83 15.01
N VAL E 64 9.18 -12.39 13.93
CA VAL E 64 10.64 -12.26 13.90
C VAL E 64 10.99 -10.84 13.48
N ASP E 65 12.26 -10.49 13.70
CA ASP E 65 12.76 -9.16 13.36
C ASP E 65 13.29 -9.19 11.92
N ARG E 66 14.01 -8.14 11.52
CA ARG E 66 14.48 -8.06 10.15
C ARG E 66 15.59 -9.05 9.87
N HIS E 67 16.27 -9.56 10.90
CA HIS E 67 17.28 -10.60 10.75
C HIS E 67 16.68 -11.99 10.88
N GLY E 68 15.36 -12.11 10.97
CA GLY E 68 14.74 -13.41 10.98
C GLY E 68 14.73 -14.04 12.35
N ARG E 69 14.91 -13.26 13.42
CA ARG E 69 15.18 -13.87 14.70
C ARG E 69 13.98 -13.63 15.61
N ALA E 70 13.64 -14.67 16.36
CA ALA E 70 12.51 -14.66 17.28
C ALA E 70 12.82 -13.77 18.47
N PRO E 71 11.78 -13.26 19.14
CA PRO E 71 12.02 -12.30 20.23
C PRO E 71 12.66 -12.91 21.47
N GLY E 72 12.88 -14.22 21.50
CA GLY E 72 13.56 -14.85 22.61
C GLY E 72 15.00 -14.36 22.74
N SER F 1 2.89 14.57 -5.26
CA SER F 1 2.25 13.26 -5.33
C SER F 1 3.20 12.08 -5.30
N ILE F 2 2.63 10.90 -5.07
CA ILE F 2 3.33 9.82 -4.40
C ILE F 2 3.18 8.57 -5.25
N ILE F 3 4.31 7.99 -5.63
CA ILE F 3 4.36 6.85 -6.53
C ILE F 3 4.93 5.68 -5.75
N GLN F 4 4.14 4.62 -5.58
CA GLN F 4 4.59 3.42 -4.88
C GLN F 4 4.77 2.29 -5.88
N VAL F 5 5.96 1.69 -5.88
CA VAL F 5 6.32 0.62 -6.80
C VAL F 5 6.59 -0.66 -6.01
N THR F 6 5.98 -1.77 -6.45
CA THR F 6 6.37 -3.10 -6.00
C THR F 6 6.83 -3.91 -7.20
N PHE F 7 7.90 -4.68 -7.02
CA PHE F 7 8.46 -5.46 -8.10
C PHE F 7 9.33 -6.54 -7.49
N ILE F 8 9.54 -7.61 -8.24
CA ILE F 8 10.29 -8.76 -7.72
C ILE F 8 11.71 -8.33 -7.43
N ALA F 9 12.25 -8.81 -6.30
CA ALA F 9 13.62 -8.49 -5.93
C ALA F 9 14.60 -8.89 -7.02
N GLY F 10 15.73 -8.18 -7.09
CA GLY F 10 16.74 -8.50 -8.07
C GLY F 10 17.25 -7.35 -8.92
N ARG F 11 16.56 -6.22 -8.90
CA ARG F 11 17.06 -5.04 -9.60
C ARG F 11 18.28 -4.47 -8.89
N THR F 12 19.20 -3.89 -9.66
CA THR F 12 20.39 -3.26 -9.10
C THR F 12 20.08 -1.87 -8.57
N GLU F 13 21.05 -1.30 -7.84
CA GLU F 13 20.91 0.06 -7.33
C GLU F 13 20.79 1.07 -8.46
N LEU F 14 21.51 0.84 -9.55
CA LEU F 14 21.45 1.75 -10.69
C LEU F 14 20.09 1.69 -11.38
N GLN F 15 19.53 0.48 -11.56
CA GLN F 15 18.17 0.38 -12.09
C GLN F 15 17.16 1.04 -11.17
N LYS F 16 17.36 0.98 -9.84
CA LYS F 16 16.43 1.64 -8.94
C LYS F 16 16.58 3.16 -9.02
N GLU F 17 17.81 3.65 -9.10
CA GLU F 17 18.04 5.08 -9.30
C GLU F 17 17.43 5.56 -10.61
N ARG F 18 17.56 4.75 -11.68
CA ARG F 18 17.03 5.12 -12.98
C ARG F 18 15.51 5.16 -12.96
N LEU F 19 14.91 4.16 -12.34
CA LEU F 19 13.45 4.10 -12.24
C LEU F 19 12.89 5.27 -11.46
N ILE F 20 13.56 5.67 -10.38
CA ILE F 20 13.09 6.81 -9.60
C ILE F 20 13.17 8.10 -10.43
N ALA F 21 14.27 8.29 -11.17
CA ALA F 21 14.37 9.45 -12.05
C ALA F 21 13.30 9.41 -13.14
N ALA F 22 13.11 8.25 -13.76
CA ALA F 22 12.21 8.18 -14.91
C ALA F 22 10.74 8.32 -14.50
N LEU F 23 10.36 7.76 -13.33
CA LEU F 23 8.99 7.93 -12.84
C LEU F 23 8.72 9.37 -12.47
N THR F 24 9.69 10.02 -11.86
CA THR F 24 9.55 11.42 -11.50
C THR F 24 9.42 12.31 -12.74
N ASP F 25 10.33 12.13 -13.71
CA ASP F 25 10.23 12.85 -14.99
C ASP F 25 8.87 12.66 -15.63
N ALA F 26 8.32 11.44 -15.55
CA ALA F 26 7.04 11.13 -16.18
C ALA F 26 5.91 11.91 -15.54
N ALA F 27 5.91 12.00 -14.20
CA ALA F 27 4.88 12.76 -13.51
C ALA F 27 5.01 14.25 -13.79
N VAL F 28 6.24 14.78 -13.76
CA VAL F 28 6.45 16.21 -14.00
C VAL F 28 6.04 16.57 -15.42
N ASP F 29 6.51 15.79 -16.38
CA ASP F 29 6.24 16.10 -17.79
C ASP F 29 4.77 15.97 -18.14
N THR F 30 4.12 14.91 -17.64
CA THR F 30 2.77 14.62 -18.12
C THR F 30 1.73 15.56 -17.52
N VAL F 31 1.80 15.83 -16.22
CA VAL F 31 0.76 16.63 -15.58
C VAL F 31 1.32 17.88 -14.90
N GLY F 32 2.61 18.16 -15.06
CA GLY F 32 3.11 19.43 -14.54
C GLY F 32 3.24 19.50 -13.04
N ILE F 33 3.22 18.37 -12.34
CA ILE F 33 3.48 18.38 -10.91
C ILE F 33 4.87 18.96 -10.68
N GLU F 34 5.00 19.79 -9.65
CA GLU F 34 6.28 20.34 -9.25
C GLU F 34 7.22 19.20 -8.87
N ARG F 35 8.45 19.24 -9.39
CA ARG F 35 9.42 18.17 -9.13
C ARG F 35 9.59 17.91 -7.64
N ALA F 36 9.70 18.97 -6.84
CA ALA F 36 9.97 18.84 -5.41
C ALA F 36 8.85 18.13 -4.67
N GLU F 37 7.67 18.05 -5.27
CA GLU F 37 6.55 17.38 -4.64
C GLU F 37 6.53 15.89 -4.91
N VAL F 38 7.27 15.41 -5.90
CA VAL F 38 7.15 14.02 -6.31
C VAL F 38 7.95 13.13 -5.37
N ARG F 39 7.28 12.12 -4.81
CA ARG F 39 7.94 11.10 -4.01
C ARG F 39 7.76 9.76 -4.70
N VAL F 40 8.81 8.93 -4.64
CA VAL F 40 8.78 7.58 -5.20
C VAL F 40 9.27 6.61 -4.14
N ILE F 41 8.50 5.54 -3.92
CA ILE F 41 8.91 4.48 -3.00
C ILE F 41 9.01 3.17 -3.78
N LEU F 42 10.17 2.55 -3.75
CA LEU F 42 10.37 1.24 -4.36
C LEU F 42 10.47 0.19 -3.25
N LYS F 43 9.69 -0.87 -3.37
CA LYS F 43 9.71 -1.99 -2.43
C LYS F 43 10.04 -3.27 -3.19
N ASP F 44 11.17 -3.90 -2.84
CA ASP F 44 11.60 -5.18 -3.39
C ASP F 44 10.82 -6.30 -2.73
N ILE F 45 10.20 -7.16 -3.52
CA ILE F 45 9.46 -8.31 -2.98
C ILE F 45 10.27 -9.57 -3.27
N PRO F 46 10.76 -10.28 -2.26
CA PRO F 46 11.46 -11.55 -2.51
C PRO F 46 10.64 -12.48 -3.40
N ASN F 47 11.34 -13.29 -4.20
CA ASN F 47 10.62 -14.17 -5.11
C ASN F 47 9.82 -15.24 -4.37
N THR F 48 10.20 -15.54 -3.13
CA THR F 48 9.37 -16.33 -2.24
C THR F 48 8.08 -15.63 -1.82
N ASP F 49 7.97 -14.30 -2.01
CA ASP F 49 6.80 -13.59 -1.50
C ASP F 49 5.90 -13.03 -2.57
N TYR F 50 6.11 -13.39 -3.84
CA TYR F 50 5.25 -12.84 -4.88
C TYR F 50 4.64 -13.89 -5.79
N GLY F 51 3.32 -13.86 -5.84
CA GLY F 51 2.52 -14.85 -6.51
C GLY F 51 2.07 -14.35 -7.88
N ILE F 52 2.15 -15.26 -8.84
CA ILE F 52 1.69 -15.04 -10.20
C ILE F 52 0.86 -16.26 -10.56
N ALA F 53 -0.43 -16.05 -10.82
CA ALA F 53 -1.34 -17.12 -11.22
C ALA F 53 -1.42 -18.22 -10.17
N GLY F 54 -1.21 -17.88 -8.90
CA GLY F 54 -1.25 -18.84 -7.81
C GLY F 54 0.07 -19.48 -7.46
N GLN F 55 1.15 -19.15 -8.17
CA GLN F 55 2.46 -19.73 -7.94
C GLN F 55 3.44 -18.63 -7.52
N THR F 56 4.45 -19.02 -6.74
CA THR F 56 5.48 -18.07 -6.38
C THR F 56 6.45 -17.84 -7.54
N ALA F 57 7.06 -16.67 -7.54
CA ALA F 57 8.05 -16.34 -8.56
C ALA F 57 9.24 -17.28 -8.49
N ARG F 58 9.63 -17.69 -7.28
CA ARG F 58 10.78 -18.59 -7.17
C ARG F 58 10.47 -19.93 -7.84
N SER F 59 9.25 -20.42 -7.68
CA SER F 59 8.87 -21.67 -8.31
C SER F 59 8.85 -21.57 -9.83
N LEU F 60 8.83 -20.35 -10.37
CA LEU F 60 8.90 -20.14 -11.81
C LEU F 60 10.28 -19.68 -12.25
N GLY F 61 11.30 -19.85 -11.41
CA GLY F 61 12.66 -19.49 -11.77
C GLY F 61 12.95 -18.01 -11.86
N ARG F 62 12.02 -17.15 -11.43
CA ARG F 62 12.18 -15.71 -11.57
C ARG F 62 12.70 -15.09 -10.28
N GLY F 63 13.53 -14.06 -10.45
CA GLY F 63 13.92 -13.22 -9.34
C GLY F 63 15.01 -13.82 -8.49
N VAL F 64 15.29 -13.11 -7.40
CA VAL F 64 16.22 -13.57 -6.38
C VAL F 64 15.47 -13.58 -5.05
N ASP F 65 16.10 -14.17 -4.04
CA ASP F 65 15.52 -14.24 -2.70
C ASP F 65 16.03 -13.06 -1.86
N ARG F 66 15.80 -13.17 -0.55
CA ARG F 66 16.07 -12.06 0.37
C ARG F 66 17.55 -11.74 0.50
N HIS F 67 18.44 -12.67 0.13
CA HIS F 67 19.88 -12.43 0.16
C HIS F 67 20.47 -12.30 -1.23
N GLY F 68 19.62 -12.05 -2.24
CA GLY F 68 20.09 -11.82 -3.59
C GLY F 68 20.49 -13.06 -4.36
N ARG F 69 20.05 -14.25 -3.94
CA ARG F 69 20.44 -15.50 -4.60
C ARG F 69 19.38 -15.93 -5.59
N ALA F 70 19.82 -16.32 -6.78
CA ALA F 70 18.94 -16.77 -7.84
C ALA F 70 18.40 -18.17 -7.55
N PRO F 71 17.35 -18.61 -8.25
CA PRO F 71 16.87 -19.98 -8.01
C PRO F 71 17.77 -21.02 -8.69
#